data_5SVT
#
_entry.id   5SVT
#
_cell.length_a   119.950
_cell.length_b   119.950
_cell.length_c   236.410
_cell.angle_alpha   90.00
_cell.angle_beta   90.00
_cell.angle_gamma   120.00
#
_symmetry.space_group_name_H-M   'H 3 2'
#
loop_
_entity.id
_entity.type
_entity.pdbx_description
1 polymer 'P2X purinoceptor 3'
2 non-polymer 2-acetamido-2-deoxy-beta-D-glucopyranose
3 non-polymer 'MAGNESIUM ION'
4 non-polymer 'SODIUM ION'
#
_entity_poly.entity_id   1
_entity_poly.type   'polypeptide(L)'
_entity_poly.pdbx_seq_one_letter_code
;GSRADFFTYETPKVIVVKSWTIGIINRVVQLLIISYFVGWVFLHEKAYQVRDTAIESSVVTKVKGSGLYANRVMDVSDYV
TPPQGTSVFVIITKMIVTENQMQGFCPESEEKYRCVSDSQCGPERLPGGGILTGRCVNYSSVLRTCEIQGWCPTEVDTVE
TPIMMEAENFTIFIKNSIRFPLFNFEKGNLLPNLTARDMKTCRFHPDKDPFCPILRVGDVVKFAGQDFAKLARTGGVLGI
KIGWVCDLDKAWDQCIPKYSFTRLDSVSEKSSVSPGYNFRFAKYYKMENGSEYRTLLKAFGIRFDVLVYGNAGKFNIIPT
IISSVAAFTSVGVGTVLCDIILLNFLKGADQYKAKKFEEVNET
;
_entity_poly.pdbx_strand_id   A
#
loop_
_chem_comp.id
_chem_comp.type
_chem_comp.name
_chem_comp.formula
MG non-polymer 'MAGNESIUM ION' 'Mg 2'
NA non-polymer 'SODIUM ION' 'Na 1'
NAG D-saccharide, beta linking 2-acetamido-2-deoxy-beta-D-glucopyranose 'C8 H15 N O6'
#
# COMPACT_ATOMS: atom_id res chain seq x y z
N TRP A 20 -63.28 -12.86 20.19
CA TRP A 20 -62.98 -11.68 21.01
C TRP A 20 -62.18 -10.66 20.20
N THR A 21 -62.53 -9.39 20.34
CA THR A 21 -61.83 -8.32 19.62
C THR A 21 -60.42 -8.11 20.15
N ILE A 22 -60.19 -8.38 21.44
CA ILE A 22 -58.86 -8.22 22.02
C ILE A 22 -57.85 -9.13 21.34
N GLY A 23 -58.29 -10.28 20.81
CA GLY A 23 -57.39 -11.18 20.13
C GLY A 23 -56.72 -10.55 18.92
N ILE A 24 -57.47 -9.73 18.18
CA ILE A 24 -56.87 -9.03 17.04
C ILE A 24 -56.14 -7.76 17.46
N ILE A 25 -56.43 -7.21 18.64
CA ILE A 25 -55.60 -6.12 19.15
C ILE A 25 -54.31 -6.68 19.70
N ASN A 26 -54.32 -7.92 20.19
CA ASN A 26 -53.07 -8.58 20.56
C ASN A 26 -52.31 -9.00 19.30
N ARG A 27 -53.02 -9.51 18.30
CA ARG A 27 -52.37 -9.88 17.05
C ARG A 27 -51.87 -8.65 16.29
N VAL A 28 -52.67 -7.59 16.26
CA VAL A 28 -52.25 -6.36 15.57
C VAL A 28 -51.01 -5.79 16.24
N VAL A 29 -50.96 -5.80 17.57
CA VAL A 29 -49.76 -5.35 18.28
C VAL A 29 -48.59 -6.29 17.97
N GLN A 30 -48.85 -7.60 17.96
CA GLN A 30 -47.82 -8.55 17.55
C GLN A 30 -47.21 -8.13 16.21
N LEU A 31 -48.07 -7.86 15.22
CA LEU A 31 -47.58 -7.51 13.89
C LEU A 31 -46.89 -6.15 13.91
N LEU A 32 -47.45 -5.18 14.63
CA LEU A 32 -46.82 -3.87 14.72
C LEU A 32 -45.42 -3.99 15.27
N ILE A 33 -45.27 -4.61 16.44
CA ILE A 33 -43.98 -4.67 17.11
C ILE A 33 -43.02 -5.55 16.33
N ILE A 34 -43.39 -6.82 16.14
CA ILE A 34 -42.51 -7.77 15.48
C ILE A 34 -42.11 -7.26 14.09
N SER A 35 -43.08 -6.84 13.30
CA SER A 35 -42.78 -6.32 11.96
C SER A 35 -41.86 -5.10 11.98
N TYR A 36 -41.90 -4.29 13.05
CA TYR A 36 -40.98 -3.15 13.10
C TYR A 36 -39.54 -3.60 13.34
N PHE A 37 -39.32 -4.54 14.26
CA PHE A 37 -37.97 -5.07 14.47
C PHE A 37 -37.42 -5.62 13.17
N VAL A 38 -38.11 -6.59 12.59
CA VAL A 38 -37.67 -7.17 11.33
C VAL A 38 -37.46 -6.07 10.29
N GLY A 39 -38.41 -5.14 10.20
CA GLY A 39 -38.32 -4.10 9.18
C GLY A 39 -37.08 -3.24 9.28
N TRP A 40 -36.80 -2.72 10.49
CA TRP A 40 -35.62 -1.89 10.66
C TRP A 40 -34.33 -2.67 10.38
N VAL A 41 -34.28 -3.93 10.78
CA VAL A 41 -33.06 -4.73 10.56
C VAL A 41 -32.80 -4.86 9.07
N PHE A 42 -33.77 -5.39 8.32
CA PHE A 42 -33.59 -5.56 6.89
C PHE A 42 -33.34 -4.23 6.18
N LEU A 43 -34.04 -3.17 6.61
CA LEU A 43 -33.82 -1.88 5.96
C LEU A 43 -32.43 -1.35 6.27
N HIS A 44 -31.88 -1.74 7.43
CA HIS A 44 -30.57 -1.25 7.82
C HIS A 44 -29.46 -1.89 6.97
N GLU A 45 -29.55 -3.20 6.73
CA GLU A 45 -28.53 -3.92 5.99
C GLU A 45 -28.70 -3.80 4.47
N LYS A 46 -29.62 -2.97 3.99
CA LYS A 46 -29.83 -2.81 2.55
C LYS A 46 -30.04 -4.16 1.88
N ALA A 47 -30.85 -5.00 2.50
CA ALA A 47 -31.11 -6.35 1.99
C ALA A 47 -31.84 -6.34 0.65
N TYR A 48 -32.39 -5.21 0.25
CA TYR A 48 -33.03 -5.05 -1.05
C TYR A 48 -32.05 -4.67 -2.16
N GLN A 49 -30.75 -4.64 -1.85
CA GLN A 49 -29.74 -4.14 -2.78
C GLN A 49 -28.85 -5.28 -3.25
N VAL A 50 -28.62 -5.33 -4.56
CA VAL A 50 -27.49 -6.09 -5.11
C VAL A 50 -26.23 -5.27 -4.94
N ARG A 51 -25.10 -5.96 -4.75
CA ARG A 51 -23.83 -5.32 -4.42
C ARG A 51 -22.76 -5.71 -5.43
N ASP A 52 -22.01 -4.71 -5.90
CA ASP A 52 -20.86 -4.90 -6.77
C ASP A 52 -19.59 -4.62 -5.96
N THR A 53 -18.81 -5.67 -5.70
CA THR A 53 -17.58 -5.56 -4.93
C THR A 53 -16.34 -5.73 -5.79
N ALA A 54 -16.48 -5.62 -7.11
CA ALA A 54 -15.35 -5.75 -8.03
C ALA A 54 -15.04 -4.41 -8.68
N ILE A 55 -14.69 -3.41 -7.88
CA ILE A 55 -14.37 -2.09 -8.40
C ILE A 55 -13.28 -2.19 -9.46
N GLU A 56 -13.31 -1.28 -10.42
CA GLU A 56 -12.34 -1.23 -11.52
C GLU A 56 -11.70 0.16 -11.51
N SER A 57 -10.46 0.24 -11.04
CA SER A 57 -9.85 1.53 -10.75
C SER A 57 -8.60 1.73 -11.59
N SER A 58 -8.33 3.01 -11.91
CA SER A 58 -7.09 3.43 -12.52
C SER A 58 -6.45 4.48 -11.62
N VAL A 59 -5.16 4.34 -11.37
CA VAL A 59 -4.43 5.23 -10.46
C VAL A 59 -3.28 5.89 -11.21
N VAL A 60 -3.24 7.22 -11.18
CA VAL A 60 -2.13 8.01 -11.72
C VAL A 60 -1.59 8.87 -10.59
N THR A 61 -0.31 8.69 -10.26
CA THR A 61 0.33 9.41 -9.17
C THR A 61 1.39 10.36 -9.69
N LYS A 62 1.62 11.45 -8.94
CA LYS A 62 2.62 12.45 -9.28
C LYS A 62 3.29 12.94 -8.00
N VAL A 63 4.63 12.79 -7.91
CA VAL A 63 5.41 13.25 -6.75
C VAL A 63 6.07 14.57 -7.10
N LYS A 64 6.17 15.47 -6.11
CA LYS A 64 6.83 16.76 -6.33
C LYS A 64 7.71 17.10 -5.15
N GLY A 65 8.92 17.54 -5.41
CA GLY A 65 9.84 17.94 -4.36
C GLY A 65 11.28 17.78 -4.78
N SER A 66 12.15 18.38 -3.98
CA SER A 66 13.59 18.28 -4.21
C SER A 66 14.29 18.19 -2.87
N GLY A 67 15.30 17.31 -2.80
CA GLY A 67 16.00 17.05 -1.55
C GLY A 67 17.50 17.17 -1.71
N LEU A 68 18.20 17.10 -0.58
CA LEU A 68 19.65 17.11 -0.52
C LEU A 68 20.16 15.83 0.14
N TYR A 69 21.05 15.14 -0.56
CA TYR A 69 21.68 13.92 -0.05
C TYR A 69 23.18 14.00 -0.29
N ALA A 70 23.96 13.87 0.78
CA ALA A 70 25.39 14.16 0.72
C ALA A 70 25.50 15.63 0.31
N ASN A 71 26.25 15.98 -0.73
CA ASN A 71 26.23 17.33 -1.27
C ASN A 71 25.59 17.34 -2.66
N ARG A 72 24.59 16.49 -2.84
CA ARG A 72 23.87 16.34 -4.10
C ARG A 72 22.40 16.67 -3.87
N VAL A 73 21.73 17.10 -4.94
CA VAL A 73 20.30 17.40 -4.93
C VAL A 73 19.57 16.33 -5.72
N MET A 74 18.53 15.75 -5.11
CA MET A 74 17.71 14.73 -5.73
C MET A 74 16.37 15.33 -6.13
N ASP A 75 16.00 15.15 -7.40
CA ASP A 75 14.70 15.56 -7.89
C ASP A 75 13.91 14.30 -8.26
N VAL A 76 12.67 14.51 -8.72
CA VAL A 76 11.76 13.39 -8.98
C VAL A 76 12.38 12.36 -9.88
N SER A 77 13.28 12.78 -10.79
CA SER A 77 13.94 11.83 -11.67
C SER A 77 15.00 11.01 -10.95
N ASP A 78 15.41 11.42 -9.75
CA ASP A 78 16.50 10.77 -9.02
C ASP A 78 16.01 9.81 -7.94
N TYR A 79 14.93 10.13 -7.25
CA TYR A 79 14.50 9.36 -6.09
C TYR A 79 13.19 8.62 -6.29
N VAL A 80 12.40 8.94 -7.30
CA VAL A 80 11.14 8.25 -7.56
C VAL A 80 11.37 7.12 -8.56
N THR A 81 10.94 5.92 -8.19
CA THR A 81 11.08 4.75 -9.04
C THR A 81 9.94 3.75 -8.82
N PRO A 82 9.23 3.37 -9.90
CA PRO A 82 9.40 3.78 -11.30
C PRO A 82 8.91 5.20 -11.55
N PRO A 83 9.14 5.71 -12.75
CA PRO A 83 8.85 7.11 -13.04
C PRO A 83 7.44 7.32 -13.58
N GLN A 84 6.83 6.27 -14.11
CA GLN A 84 5.59 6.45 -14.86
C GLN A 84 4.40 6.84 -13.99
N GLY A 85 4.50 6.72 -12.67
CA GLY A 85 3.38 7.07 -11.81
C GLY A 85 2.36 5.96 -11.66
N THR A 86 2.82 4.77 -11.29
CA THR A 86 1.95 3.62 -11.13
C THR A 86 1.35 3.63 -9.72
N SER A 87 0.60 2.58 -9.39
CA SER A 87 0.01 2.47 -8.07
C SER A 87 1.02 2.07 -7.00
N VAL A 88 2.15 1.50 -7.40
CA VAL A 88 3.25 1.20 -6.49
C VAL A 88 4.48 1.95 -6.97
N PHE A 89 4.96 2.87 -6.14
CA PHE A 89 6.17 3.63 -6.44
C PHE A 89 7.00 3.77 -5.17
N VAL A 90 8.24 4.21 -5.34
CA VAL A 90 9.20 4.31 -4.25
C VAL A 90 9.84 5.70 -4.24
N ILE A 91 9.87 6.32 -3.07
CA ILE A 91 10.63 7.54 -2.85
C ILE A 91 11.89 7.15 -2.07
N ILE A 92 13.04 7.24 -2.73
CA ILE A 92 14.30 6.82 -2.13
C ILE A 92 14.75 7.87 -1.11
N THR A 93 14.97 7.43 0.13
CA THR A 93 15.40 8.31 1.20
C THR A 93 16.86 8.11 1.61
N LYS A 94 17.38 6.89 1.51
CA LYS A 94 18.78 6.63 1.82
C LYS A 94 19.31 5.57 0.86
N MET A 95 20.55 5.73 0.42
CA MET A 95 21.15 4.76 -0.49
C MET A 95 22.61 4.51 -0.12
N ILE A 96 23.13 3.39 -0.61
CA ILE A 96 24.52 2.99 -0.44
C ILE A 96 25.10 2.76 -1.83
N VAL A 97 26.16 3.49 -2.15
CA VAL A 97 26.77 3.42 -3.48
C VAL A 97 28.07 2.64 -3.39
N THR A 98 28.31 1.80 -4.40
CA THR A 98 29.58 1.11 -4.59
C THR A 98 29.96 1.40 -6.03
N GLU A 99 30.87 2.35 -6.20
CA GLU A 99 31.10 2.97 -7.49
C GLU A 99 32.18 2.25 -8.29
N ASN A 100 31.97 2.22 -9.61
CA ASN A 100 33.01 1.78 -10.55
C ASN A 100 33.40 0.31 -10.33
N GLN A 101 32.40 -0.54 -10.17
CA GLN A 101 32.63 -1.97 -10.13
C GLN A 101 33.01 -2.47 -11.52
N MET A 102 33.67 -3.62 -11.56
CA MET A 102 34.04 -4.25 -12.82
C MET A 102 34.18 -5.75 -12.64
N GLN A 103 33.79 -6.49 -13.66
CA GLN A 103 33.93 -7.94 -13.63
C GLN A 103 35.38 -8.30 -13.34
N GLY A 104 35.57 -9.33 -12.53
CA GLY A 104 36.91 -9.77 -12.19
C GLY A 104 36.84 -10.71 -11.01
N PHE A 105 37.96 -10.83 -10.30
CA PHE A 105 38.03 -11.64 -9.09
C PHE A 105 38.36 -10.74 -7.92
N CYS A 106 37.77 -11.03 -6.76
CA CYS A 106 38.06 -10.27 -5.55
C CYS A 106 37.50 -11.02 -4.35
N PRO A 107 38.02 -10.74 -3.15
CA PRO A 107 37.49 -11.36 -1.93
C PRO A 107 36.21 -10.70 -1.44
N GLU A 108 35.16 -11.50 -1.25
CA GLU A 108 33.92 -10.99 -0.65
C GLU A 108 34.19 -10.39 0.72
N SER A 109 33.50 -9.30 1.04
CA SER A 109 33.63 -8.61 2.32
C SER A 109 32.67 -9.09 3.39
N GLU A 110 31.70 -9.94 3.05
CA GLU A 110 30.78 -10.46 4.07
C GLU A 110 31.51 -11.40 5.01
N GLU A 111 31.32 -11.19 6.32
CA GLU A 111 31.94 -12.07 7.29
C GLU A 111 31.43 -13.50 7.17
N LYS A 112 30.16 -13.67 6.76
CA LYS A 112 29.59 -15.01 6.62
C LYS A 112 30.40 -15.88 5.67
N TYR A 113 31.27 -15.28 4.85
CA TYR A 113 32.12 -16.00 3.91
C TYR A 113 33.51 -16.27 4.46
N ARG A 114 33.70 -16.17 5.78
CA ARG A 114 34.99 -16.44 6.39
C ARG A 114 35.52 -17.78 5.91
N CYS A 115 36.84 -17.85 5.71
CA CYS A 115 37.50 -19.11 5.36
C CYS A 115 38.85 -19.17 6.04
N VAL A 116 39.34 -20.39 6.26
CA VAL A 116 40.68 -20.61 6.69
C VAL A 116 41.56 -21.20 5.58
N SER A 117 40.97 -21.98 4.68
CA SER A 117 41.72 -22.55 3.57
C SER A 117 40.76 -22.76 2.41
N ASP A 118 41.34 -23.01 1.23
CA ASP A 118 40.53 -23.15 0.02
C ASP A 118 39.65 -24.38 0.06
N SER A 119 39.74 -25.19 1.12
CA SER A 119 38.96 -26.41 1.24
C SER A 119 37.54 -26.14 1.70
N GLN A 120 37.28 -24.96 2.30
CA GLN A 120 35.95 -24.57 2.73
C GLN A 120 35.42 -23.40 1.88
N CYS A 121 35.92 -23.28 0.65
CA CYS A 121 35.39 -22.35 -0.35
C CYS A 121 34.92 -23.10 -1.59
N GLY A 122 34.36 -24.29 -1.41
CA GLY A 122 33.85 -25.07 -2.52
C GLY A 122 32.40 -24.79 -2.81
N PRO A 123 31.88 -25.38 -3.89
CA PRO A 123 30.49 -25.07 -4.29
C PRO A 123 29.46 -25.49 -3.24
N GLU A 124 29.81 -26.44 -2.37
CA GLU A 124 28.89 -26.88 -1.33
C GLU A 124 28.61 -25.81 -0.30
N ARG A 125 29.44 -24.75 -0.24
CA ARG A 125 29.31 -23.73 0.77
C ARG A 125 28.52 -22.55 0.23
N LEU A 126 27.58 -22.05 1.03
CA LEU A 126 26.69 -20.95 0.67
C LEU A 126 26.18 -21.16 -0.75
N PRO A 127 25.37 -22.19 -0.97
CA PRO A 127 24.96 -22.52 -2.34
C PRO A 127 24.19 -21.41 -3.03
N GLY A 128 23.35 -20.68 -2.29
CA GLY A 128 22.55 -19.63 -2.89
C GLY A 128 23.25 -18.30 -3.06
N GLY A 129 24.47 -18.16 -2.58
CA GLY A 129 25.18 -16.90 -2.66
C GLY A 129 25.86 -16.67 -3.98
N GLY A 130 26.95 -15.91 -3.94
CA GLY A 130 27.68 -15.56 -5.13
C GLY A 130 28.46 -16.73 -5.69
N ILE A 131 29.19 -16.46 -6.77
CA ILE A 131 29.99 -17.47 -7.47
C ILE A 131 31.38 -17.48 -6.84
N LEU A 132 31.72 -18.59 -6.20
CA LEU A 132 32.99 -18.73 -5.50
C LEU A 132 34.04 -19.29 -6.47
N THR A 133 35.22 -18.68 -6.47
CA THR A 133 36.30 -19.16 -7.33
C THR A 133 36.95 -20.42 -6.79
N GLY A 134 36.91 -20.62 -5.47
CA GLY A 134 37.58 -21.73 -4.84
C GLY A 134 38.85 -21.37 -4.10
N ARG A 135 39.24 -20.10 -4.12
CA ARG A 135 40.43 -19.64 -3.41
C ARG A 135 40.01 -18.91 -2.15
N CYS A 136 40.79 -19.12 -1.08
CA CYS A 136 40.63 -18.37 0.15
C CYS A 136 41.64 -17.24 0.10
N VAL A 137 41.16 -16.00 0.11
CA VAL A 137 42.00 -14.83 -0.06
C VAL A 137 41.79 -13.88 1.10
N ASN A 138 42.68 -12.90 1.21
CA ASN A 138 42.67 -11.95 2.32
C ASN A 138 41.99 -10.68 1.83
N TYR A 139 40.71 -10.53 2.17
CA TYR A 139 40.02 -9.28 1.90
C TYR A 139 40.74 -8.11 2.55
N SER A 140 41.00 -8.23 3.85
CA SER A 140 41.78 -7.25 4.58
C SER A 140 42.77 -8.00 5.46
N SER A 141 43.48 -7.26 6.31
CA SER A 141 44.40 -7.88 7.25
C SER A 141 43.68 -8.53 8.43
N VAL A 142 42.42 -8.15 8.69
CA VAL A 142 41.66 -8.70 9.80
C VAL A 142 40.66 -9.77 9.38
N LEU A 143 40.42 -9.94 8.08
CA LEU A 143 39.45 -10.92 7.61
C LEU A 143 40.00 -11.68 6.41
N ARG A 144 39.61 -12.95 6.32
CA ARG A 144 39.99 -13.83 5.23
C ARG A 144 38.73 -14.49 4.72
N THR A 145 38.39 -14.24 3.46
CA THR A 145 37.12 -14.67 2.91
C THR A 145 37.35 -15.41 1.60
N CYS A 146 36.33 -16.16 1.19
CA CYS A 146 36.36 -16.83 -0.11
C CYS A 146 36.42 -15.80 -1.22
N GLU A 147 37.20 -16.09 -2.26
CA GLU A 147 37.24 -15.22 -3.42
C GLU A 147 36.07 -15.54 -4.34
N ILE A 148 35.55 -14.51 -5.01
CA ILE A 148 34.40 -14.66 -5.88
C ILE A 148 34.67 -13.95 -7.20
N GLN A 149 33.97 -14.41 -8.23
CA GLN A 149 33.97 -13.78 -9.54
C GLN A 149 32.70 -12.96 -9.69
N GLY A 150 32.86 -11.71 -10.09
CA GLY A 150 31.71 -10.83 -10.22
C GLY A 150 32.16 -9.38 -10.21
N TRP A 151 31.24 -8.51 -9.79
CA TRP A 151 31.52 -7.07 -9.79
C TRP A 151 32.45 -6.74 -8.63
N CYS A 152 33.63 -6.20 -8.97
CA CYS A 152 34.64 -5.90 -7.97
C CYS A 152 34.97 -4.41 -8.01
N PRO A 153 35.19 -3.82 -6.82
CA PRO A 153 35.17 -4.51 -5.53
C PRO A 153 33.78 -4.95 -5.12
N THR A 154 33.65 -5.65 -4.00
CA THR A 154 32.35 -6.09 -3.52
C THR A 154 31.68 -4.99 -2.71
N GLU A 155 30.39 -5.19 -2.44
CA GLU A 155 29.62 -4.22 -1.70
C GLU A 155 29.87 -4.37 -0.21
N VAL A 156 29.91 -3.24 0.49
CA VAL A 156 30.03 -3.21 1.95
C VAL A 156 28.76 -2.54 2.45
N ASP A 157 27.74 -3.36 2.72
CA ASP A 157 26.42 -2.87 3.10
C ASP A 157 26.25 -2.77 4.62
N THR A 158 27.35 -2.66 5.36
CA THR A 158 27.30 -2.51 6.81
C THR A 158 27.69 -1.10 7.28
N VAL A 159 27.94 -0.17 6.36
CA VAL A 159 28.27 1.21 6.75
C VAL A 159 26.98 1.98 7.03
N GLU A 160 27.11 3.14 7.66
CA GLU A 160 25.99 4.03 7.93
C GLU A 160 26.05 5.23 6.98
N THR A 161 24.91 5.59 6.40
CA THR A 161 24.80 6.69 5.46
C THR A 161 23.66 7.61 5.86
N PRO A 162 23.67 8.86 5.36
CA PRO A 162 22.61 9.81 5.71
C PRO A 162 21.30 9.45 5.03
N ILE A 163 20.26 10.20 5.38
CA ILE A 163 18.95 10.08 4.77
C ILE A 163 18.50 11.44 4.28
N MET A 164 17.70 11.44 3.21
CA MET A 164 17.18 12.67 2.61
C MET A 164 15.98 13.13 3.43
N MET A 165 16.17 14.20 4.19
CA MET A 165 15.12 14.72 5.06
C MET A 165 14.08 15.53 4.31
N GLU A 166 14.46 16.22 3.23
CA GLU A 166 13.49 17.01 2.48
C GLU A 166 12.33 16.17 1.96
N ALA A 167 12.51 14.85 1.84
CA ALA A 167 11.43 14.00 1.36
C ALA A 167 10.18 14.08 2.23
N GLU A 168 10.31 14.53 3.47
CA GLU A 168 9.15 14.68 4.33
C GLU A 168 8.18 15.71 3.78
N ASN A 169 8.69 16.69 3.06
CA ASN A 169 7.88 17.77 2.52
C ASN A 169 7.44 17.53 1.09
N PHE A 170 7.79 16.39 0.51
CA PHE A 170 7.31 16.08 -0.82
C PHE A 170 5.80 15.88 -0.76
N THR A 171 5.16 16.05 -1.91
CA THR A 171 3.72 15.86 -2.03
C THR A 171 3.41 14.75 -3.03
N ILE A 172 2.42 13.95 -2.70
CA ILE A 172 1.92 12.89 -3.57
C ILE A 172 0.52 13.28 -4.03
N PHE A 173 0.35 13.37 -5.33
CA PHE A 173 -0.93 13.70 -5.94
C PHE A 173 -1.51 12.45 -6.58
N ILE A 174 -2.71 12.07 -6.15
CA ILE A 174 -3.33 10.82 -6.56
C ILE A 174 -4.59 11.17 -7.33
N LYS A 175 -4.57 10.90 -8.63
CA LYS A 175 -5.76 10.98 -9.46
C LYS A 175 -6.27 9.56 -9.64
N ASN A 176 -7.54 9.33 -9.30
CA ASN A 176 -8.10 7.99 -9.27
C ASN A 176 -9.44 7.99 -9.98
N SER A 177 -9.60 7.06 -10.92
CA SER A 177 -10.76 6.99 -11.77
C SER A 177 -11.27 5.55 -11.74
N ILE A 178 -12.42 5.35 -11.10
CA ILE A 178 -12.93 4.03 -10.79
C ILE A 178 -14.25 3.81 -11.51
N ARG A 179 -14.69 2.57 -11.51
CA ARG A 179 -15.92 2.21 -12.20
C ARG A 179 -16.45 0.94 -11.56
N PHE A 180 -17.74 0.95 -11.21
CA PHE A 180 -18.43 -0.24 -10.76
C PHE A 180 -19.07 -0.90 -11.97
N PRO A 181 -18.55 -2.03 -12.46
CA PRO A 181 -19.00 -2.51 -13.77
C PRO A 181 -20.39 -3.11 -13.74
N LEU A 182 -20.77 -3.78 -12.65
CA LEU A 182 -22.12 -4.32 -12.57
C LEU A 182 -23.16 -3.24 -12.83
N PHE A 183 -22.87 -1.98 -12.46
CA PHE A 183 -23.78 -0.87 -12.74
C PHE A 183 -23.22 0.12 -13.76
N ASN A 184 -21.95 -0.02 -14.15
CA ASN A 184 -21.32 0.87 -15.12
C ASN A 184 -21.28 2.30 -14.60
N PHE A 185 -21.03 2.44 -13.30
CA PHE A 185 -21.02 3.75 -12.65
C PHE A 185 -19.56 4.12 -12.45
N GLU A 186 -19.06 5.04 -13.28
CA GLU A 186 -17.66 5.44 -13.21
C GLU A 186 -17.57 6.88 -12.73
N LYS A 187 -16.57 7.13 -11.89
CA LYS A 187 -16.40 8.43 -11.25
C LYS A 187 -14.94 8.64 -10.94
N GLY A 188 -14.57 9.89 -10.70
CA GLY A 188 -13.20 10.25 -10.38
C GLY A 188 -13.12 10.83 -8.98
N ASN A 189 -11.89 10.94 -8.49
CA ASN A 189 -11.64 11.45 -7.15
C ASN A 189 -11.17 12.89 -7.16
N LEU A 190 -11.18 13.54 -8.32
CA LEU A 190 -10.96 14.98 -8.43
C LEU A 190 -12.31 15.66 -8.31
N LEU A 191 -12.60 16.20 -7.13
CA LEU A 191 -13.90 16.80 -6.82
C LEU A 191 -13.66 18.24 -6.35
N PRO A 192 -13.74 19.22 -7.24
CA PRO A 192 -13.38 20.60 -6.85
C PRO A 192 -14.31 21.20 -5.81
N ASN A 193 -15.59 20.83 -5.81
CA ASN A 193 -16.53 21.40 -4.86
C ASN A 193 -16.44 20.80 -3.47
N LEU A 194 -15.90 19.60 -3.35
CA LEU A 194 -15.75 18.98 -2.04
C LEU A 194 -14.51 19.46 -1.32
N THR A 195 -13.61 20.15 -2.01
CA THR A 195 -12.37 20.63 -1.44
C THR A 195 -12.55 22.07 -1.01
N ALA A 196 -11.98 22.40 0.15
CA ALA A 196 -12.13 23.76 0.69
C ALA A 196 -11.37 24.77 -0.15
N ARG A 197 -10.13 24.45 -0.50
CA ARG A 197 -9.25 25.33 -1.26
C ARG A 197 -9.03 24.76 -2.66
N ASP A 198 -8.45 25.58 -3.52
CA ASP A 198 -8.19 25.21 -4.91
C ASP A 198 -7.40 23.91 -5.01
N MET A 199 -7.54 23.23 -6.16
CA MET A 199 -6.83 21.97 -6.36
C MET A 199 -5.31 22.17 -6.32
N LYS A 200 -4.83 23.25 -6.94
CA LYS A 200 -3.39 23.43 -7.09
C LYS A 200 -2.69 23.63 -5.75
N THR A 201 -3.38 24.18 -4.76
CA THR A 201 -2.77 24.52 -3.48
C THR A 201 -3.32 23.79 -2.27
N CYS A 202 -4.39 23.01 -2.42
CA CYS A 202 -4.93 22.30 -1.26
C CYS A 202 -3.93 21.26 -0.76
N ARG A 203 -4.28 20.64 0.37
CA ARG A 203 -3.42 19.61 0.96
C ARG A 203 -4.30 18.73 1.85
N PHE A 204 -4.35 17.44 1.54
CA PHE A 204 -5.27 16.55 2.23
C PHE A 204 -5.10 16.61 3.74
N HIS A 205 -6.22 16.78 4.44
CA HIS A 205 -6.29 16.66 5.89
C HIS A 205 -7.53 15.84 6.19
N PRO A 206 -7.43 14.79 7.01
CA PRO A 206 -8.58 13.92 7.26
C PRO A 206 -9.81 14.68 7.72
N ASP A 207 -9.62 15.86 8.29
CA ASP A 207 -10.72 16.66 8.82
C ASP A 207 -10.96 17.96 8.07
N LYS A 208 -9.90 18.72 7.77
CA LYS A 208 -10.10 20.02 7.16
C LYS A 208 -10.37 19.91 5.66
N ASP A 209 -9.71 18.97 4.98
CA ASP A 209 -9.86 18.81 3.53
C ASP A 209 -9.67 17.35 3.17
N PRO A 210 -10.70 16.53 3.41
CA PRO A 210 -10.54 15.08 3.23
C PRO A 210 -10.74 14.62 1.80
N PHE A 211 -10.95 15.54 0.86
CA PHE A 211 -11.11 15.20 -0.54
C PHE A 211 -10.05 15.83 -1.42
N CYS A 212 -9.09 16.52 -0.85
CA CYS A 212 -7.96 17.04 -1.62
C CYS A 212 -7.05 15.88 -2.01
N PRO A 213 -6.75 15.69 -3.30
CA PRO A 213 -5.95 14.52 -3.72
C PRO A 213 -4.46 14.68 -3.49
N ILE A 214 -4.01 15.81 -2.95
CA ILE A 214 -2.59 16.09 -2.75
C ILE A 214 -2.22 15.74 -1.32
N LEU A 215 -1.31 14.79 -1.15
CA LEU A 215 -0.89 14.34 0.18
C LEU A 215 0.56 14.73 0.43
N ARG A 216 0.81 15.22 1.64
CA ARG A 216 2.19 15.51 2.06
C ARG A 216 2.83 14.24 2.59
N VAL A 217 4.01 13.90 2.06
CA VAL A 217 4.67 12.65 2.41
C VAL A 217 4.74 12.48 3.92
N GLY A 218 5.26 13.49 4.62
CA GLY A 218 5.30 13.41 6.07
C GLY A 218 3.94 13.16 6.69
N ASP A 219 2.91 13.81 6.16
CA ASP A 219 1.54 13.57 6.65
C ASP A 219 1.17 12.10 6.53
N VAL A 220 1.35 11.52 5.35
CA VAL A 220 1.05 10.10 5.14
C VAL A 220 1.80 9.25 6.16
N VAL A 221 3.02 9.66 6.49
CA VAL A 221 3.79 8.89 7.47
C VAL A 221 3.14 9.00 8.84
N LYS A 222 2.52 10.14 9.14
CA LYS A 222 1.88 10.30 10.44
C LYS A 222 0.55 9.57 10.50
N PHE A 223 -0.30 9.74 9.47
CA PHE A 223 -1.55 9.00 9.43
C PHE A 223 -1.34 7.50 9.56
N ALA A 224 -0.19 6.99 9.11
CA ALA A 224 0.13 5.59 9.24
C ALA A 224 0.79 5.26 10.57
N GLY A 225 0.96 6.24 11.44
CA GLY A 225 1.62 6.02 12.72
C GLY A 225 3.07 5.60 12.59
N GLN A 226 3.87 6.38 11.88
CA GLN A 226 5.26 6.02 11.63
C GLN A 226 6.15 7.23 11.82
N ASP A 227 7.37 6.99 12.27
CA ASP A 227 8.36 8.04 12.46
C ASP A 227 9.20 8.18 11.20
N PHE A 228 9.19 9.38 10.61
CA PHE A 228 9.89 9.59 9.35
C PHE A 228 11.38 9.32 9.49
N ALA A 229 11.94 9.51 10.68
CA ALA A 229 13.35 9.23 10.90
C ALA A 229 13.65 7.75 10.76
N LYS A 230 13.04 6.92 11.61
CA LYS A 230 13.27 5.48 11.54
C LYS A 230 12.85 4.93 10.18
N LEU A 231 11.72 5.40 9.66
CA LEU A 231 11.22 4.89 8.38
C LEU A 231 12.16 5.24 7.24
N ALA A 232 12.59 6.51 7.16
CA ALA A 232 13.55 6.88 6.13
C ALA A 232 14.87 6.13 6.30
N ARG A 233 15.24 5.82 7.54
CA ARG A 233 16.48 5.09 7.78
C ARG A 233 16.39 3.66 7.27
N THR A 234 15.31 2.95 7.63
CA THR A 234 15.17 1.54 7.30
C THR A 234 14.33 1.28 6.06
N GLY A 235 13.64 2.29 5.54
CA GLY A 235 12.71 2.08 4.45
C GLY A 235 11.45 1.37 4.93
N GLY A 236 10.37 1.42 4.16
CA GLY A 236 9.14 0.79 4.59
C GLY A 236 8.10 0.83 3.51
N VAL A 237 6.96 0.21 3.80
CA VAL A 237 5.85 0.10 2.86
C VAL A 237 4.61 0.65 3.54
N LEU A 238 4.08 1.74 2.99
CA LEU A 238 2.87 2.36 3.50
C LEU A 238 1.76 2.24 2.47
N GLY A 239 0.53 2.12 2.96
CA GLY A 239 -0.61 2.06 2.07
C GLY A 239 -1.55 3.25 2.13
N ILE A 240 -1.77 3.91 1.00
CA ILE A 240 -2.80 4.92 0.88
C ILE A 240 -4.06 4.21 0.37
N LYS A 241 -5.04 4.04 1.25
CA LYS A 241 -6.23 3.25 0.95
C LYS A 241 -7.35 4.18 0.52
N ILE A 242 -7.89 3.94 -0.68
CA ILE A 242 -9.01 4.69 -1.21
C ILE A 242 -10.22 3.78 -1.21
N GLY A 243 -11.25 4.16 -0.45
CA GLY A 243 -12.46 3.36 -0.32
C GLY A 243 -13.64 4.05 -0.99
N TRP A 244 -14.33 3.29 -1.83
CA TRP A 244 -15.49 3.76 -2.57
C TRP A 244 -16.70 2.92 -2.16
N VAL A 245 -17.20 3.17 -0.95
CA VAL A 245 -18.44 2.56 -0.51
C VAL A 245 -19.57 3.48 -0.93
N CYS A 246 -20.45 2.99 -1.79
CA CYS A 246 -21.43 3.86 -2.42
C CYS A 246 -22.81 3.21 -2.44
N ASP A 247 -23.82 4.06 -2.32
CA ASP A 247 -25.22 3.68 -2.48
C ASP A 247 -25.69 4.26 -3.80
N LEU A 248 -25.65 3.45 -4.86
CA LEU A 248 -26.03 3.96 -6.17
C LEU A 248 -27.52 4.19 -6.31
N ASP A 249 -28.30 3.96 -5.26
CA ASP A 249 -29.68 4.44 -5.20
C ASP A 249 -29.75 5.92 -4.92
N LYS A 250 -28.72 6.48 -4.30
CA LYS A 250 -28.68 7.90 -3.96
C LYS A 250 -28.09 8.69 -5.13
N ALA A 251 -27.85 9.97 -4.92
CA ALA A 251 -27.35 10.83 -5.98
C ALA A 251 -25.92 10.49 -6.35
N TRP A 252 -25.55 10.83 -7.59
CA TRP A 252 -24.15 10.73 -8.00
C TRP A 252 -23.27 11.45 -6.98
N ASP A 253 -23.74 12.60 -6.49
CA ASP A 253 -23.02 13.40 -5.52
C ASP A 253 -22.63 12.64 -4.27
N GLN A 254 -23.29 11.53 -3.98
CA GLN A 254 -23.11 10.83 -2.71
C GLN A 254 -22.03 9.76 -2.76
N CYS A 255 -21.69 9.26 -3.95
CA CYS A 255 -20.59 8.30 -4.10
C CYS A 255 -19.26 9.04 -3.89
N ILE A 256 -18.63 8.84 -2.73
CA ILE A 256 -17.49 9.67 -2.34
C ILE A 256 -16.32 8.79 -1.88
N PRO A 257 -15.09 9.14 -2.24
CA PRO A 257 -13.93 8.37 -1.77
C PRO A 257 -13.50 8.78 -0.39
N LYS A 258 -13.00 7.80 0.37
CA LYS A 258 -12.52 8.00 1.72
C LYS A 258 -11.11 7.43 1.84
N TYR A 259 -10.17 8.26 2.26
CA TYR A 259 -8.77 7.87 2.30
C TYR A 259 -8.41 7.43 3.72
N SER A 260 -7.74 6.28 3.81
CA SER A 260 -7.15 5.80 5.05
C SER A 260 -5.71 5.40 4.79
N PHE A 261 -4.96 5.16 5.87
CA PHE A 261 -3.53 4.96 5.74
C PHE A 261 -3.07 3.91 6.74
N THR A 262 -2.06 3.14 6.34
CA THR A 262 -1.61 2.00 7.11
C THR A 262 -0.18 1.65 6.67
N ARG A 263 0.59 1.07 7.58
CA ARG A 263 1.88 0.48 7.26
C ARG A 263 1.70 -1.01 6.99
N LEU A 264 2.15 -1.45 5.82
CA LEU A 264 1.89 -2.81 5.36
C LEU A 264 2.99 -3.80 5.70
N ASP A 265 4.23 -3.35 5.89
CA ASP A 265 5.30 -4.28 6.26
C ASP A 265 5.32 -4.60 7.75
N SER A 266 4.80 -3.71 8.59
CA SER A 266 4.58 -3.97 10.02
C SER A 266 5.74 -4.74 10.66
N VAL A 267 5.42 -5.79 11.40
CA VAL A 267 6.42 -6.59 12.11
C VAL A 267 7.06 -5.79 13.24
N SER A 272 11.21 -12.09 13.02
CA SER A 272 12.42 -12.78 12.61
C SER A 272 13.12 -12.05 11.46
N VAL A 273 12.34 -11.66 10.45
CA VAL A 273 12.87 -10.97 9.28
C VAL A 273 13.12 -9.51 9.64
N SER A 274 14.20 -8.95 9.10
CA SER A 274 14.54 -7.56 9.38
C SER A 274 13.55 -6.63 8.71
N PRO A 275 12.91 -5.70 9.45
CA PRO A 275 11.96 -4.78 8.83
C PRO A 275 12.63 -3.86 7.83
N GLY A 276 11.86 -2.98 7.22
CA GLY A 276 12.39 -2.04 6.24
C GLY A 276 12.12 -2.48 4.82
N TYR A 277 12.69 -1.73 3.88
CA TYR A 277 12.52 -2.00 2.47
C TYR A 277 13.70 -1.46 1.68
N ASN A 278 14.34 -2.32 0.89
CA ASN A 278 15.46 -1.89 0.06
C ASN A 278 15.57 -2.78 -1.16
N PHE A 279 16.18 -2.23 -2.22
CA PHE A 279 16.38 -2.96 -3.46
C PHE A 279 17.63 -2.41 -4.15
N ARG A 280 18.21 -3.23 -5.02
CA ARG A 280 19.45 -2.88 -5.69
C ARG A 280 19.21 -2.62 -7.18
N PHE A 281 19.92 -1.64 -7.71
CA PHE A 281 19.92 -1.37 -9.14
C PHE A 281 21.24 -0.68 -9.45
N ALA A 282 21.64 -0.75 -10.72
CA ALA A 282 22.94 -0.22 -11.11
C ALA A 282 22.77 0.79 -12.23
N LYS A 283 23.72 1.71 -12.30
CA LYS A 283 23.86 2.62 -13.44
C LYS A 283 25.04 2.11 -14.24
N TYR A 284 24.78 1.76 -15.49
CA TYR A 284 25.75 1.06 -16.32
C TYR A 284 26.46 2.05 -17.23
N TYR A 285 27.78 2.12 -17.10
CA TYR A 285 28.63 2.97 -17.93
C TYR A 285 29.60 2.09 -18.71
N LYS A 286 30.09 2.61 -19.83
CA LYS A 286 31.08 1.92 -20.64
C LYS A 286 32.24 2.87 -20.91
N MET A 287 33.46 2.35 -20.75
CA MET A 287 34.66 3.14 -20.98
C MET A 287 34.90 3.35 -22.47
N GLU A 288 35.62 4.44 -22.78
CA GLU A 288 36.12 4.60 -24.14
C GLU A 288 36.86 3.35 -24.59
N ASN A 289 37.59 2.70 -23.68
CA ASN A 289 38.23 1.42 -24.02
C ASN A 289 37.22 0.36 -24.44
N GLY A 290 35.96 0.51 -24.08
CA GLY A 290 34.96 -0.49 -24.33
C GLY A 290 34.67 -1.38 -23.13
N SER A 291 35.50 -1.33 -22.09
CA SER A 291 35.24 -2.13 -20.91
C SER A 291 34.05 -1.56 -20.16
N GLU A 292 33.36 -2.44 -19.43
CA GLU A 292 32.13 -2.08 -18.76
C GLU A 292 32.36 -1.93 -17.26
N TYR A 293 31.67 -0.95 -16.67
CA TYR A 293 31.74 -0.72 -15.24
C TYR A 293 30.45 -0.03 -14.81
N ARG A 294 29.96 -0.36 -13.62
CA ARG A 294 28.68 0.11 -13.14
C ARG A 294 28.84 0.76 -11.77
N THR A 295 27.83 1.51 -11.37
CA THR A 295 27.69 1.99 -10.01
C THR A 295 26.56 1.21 -9.36
N LEU A 296 26.89 0.45 -8.32
CA LEU A 296 25.93 -0.42 -7.66
C LEU A 296 25.27 0.35 -6.52
N LEU A 297 23.94 0.32 -6.49
CA LEU A 297 23.18 1.15 -5.56
C LEU A 297 22.20 0.29 -4.80
N LYS A 298 22.31 0.30 -3.47
CA LYS A 298 21.32 -0.30 -2.58
C LYS A 298 20.45 0.85 -2.07
N ALA A 299 19.17 0.82 -2.45
CA ALA A 299 18.25 1.93 -2.18
C ALA A 299 17.31 1.59 -1.03
N PHE A 300 17.20 2.52 -0.09
CA PHE A 300 16.21 2.47 0.98
C PHE A 300 15.23 3.62 0.80
N GLY A 301 13.94 3.32 0.85
CA GLY A 301 12.94 4.35 0.72
C GLY A 301 11.60 3.91 1.26
N ILE A 302 10.58 4.69 0.93
CA ILE A 302 9.20 4.41 1.35
C ILE A 302 8.41 4.05 0.10
N ARG A 303 8.03 2.78 -0.02
CA ARG A 303 7.16 2.36 -1.10
C ARG A 303 5.72 2.71 -0.77
N PHE A 304 5.01 3.25 -1.75
CA PHE A 304 3.61 3.64 -1.57
C PHE A 304 2.73 2.80 -2.47
N ASP A 305 1.78 2.07 -1.86
CA ASP A 305 0.82 1.25 -2.57
C ASP A 305 -0.55 1.90 -2.44
N VAL A 306 -1.10 2.36 -3.57
CA VAL A 306 -2.46 2.88 -3.59
C VAL A 306 -3.41 1.71 -3.72
N LEU A 307 -4.21 1.48 -2.68
CA LEU A 307 -5.10 0.32 -2.61
C LEU A 307 -6.53 0.85 -2.66
N VAL A 308 -7.20 0.62 -3.78
CA VAL A 308 -8.53 1.14 -4.03
C VAL A 308 -9.53 0.01 -3.79
N TYR A 309 -10.27 0.10 -2.70
CA TYR A 309 -11.42 -0.76 -2.46
C TYR A 309 -12.70 -0.01 -2.78
N GLY A 310 -13.75 -0.76 -3.09
CA GLY A 310 -15.06 -0.18 -3.31
C GLY A 310 -16.16 -1.19 -3.49
N ASN A 311 -17.36 -0.86 -3.04
CA ASN A 311 -18.54 -1.68 -3.29
C ASN A 311 -19.79 -0.79 -3.27
N ALA A 312 -20.60 -0.91 -4.30
CA ALA A 312 -21.79 -0.08 -4.46
C ALA A 312 -23.03 -0.95 -4.30
N GLY A 313 -24.11 -0.35 -3.81
CA GLY A 313 -25.36 -1.07 -3.69
C GLY A 313 -26.50 -0.38 -4.41
N LYS A 314 -27.18 -1.11 -5.28
CA LYS A 314 -28.34 -0.60 -6.02
C LYS A 314 -29.54 -1.48 -5.74
N PHE A 315 -30.71 -0.85 -5.62
CA PHE A 315 -31.96 -1.58 -5.45
C PHE A 315 -32.17 -2.58 -6.57
N ASN A 316 -32.62 -3.78 -6.20
CA ASN A 316 -32.91 -4.83 -7.17
C ASN A 316 -34.19 -5.56 -6.79
N ILE A 317 -34.88 -6.06 -7.81
CA ILE A 317 -36.16 -6.72 -7.59
C ILE A 317 -35.94 -8.06 -6.89
N ILE A 318 -34.93 -8.81 -7.31
CA ILE A 318 -34.70 -10.16 -6.80
C ILE A 318 -34.34 -10.10 -5.32
N PRO A 319 -33.31 -9.34 -4.92
CA PRO A 319 -33.00 -9.27 -3.48
C PRO A 319 -34.13 -8.69 -2.67
N THR A 320 -34.93 -7.80 -3.27
CA THR A 320 -36.06 -7.22 -2.56
C THR A 320 -37.17 -8.25 -2.35
N ILE A 321 -37.37 -9.13 -3.34
CA ILE A 321 -38.36 -10.19 -3.19
C ILE A 321 -37.88 -11.24 -2.20
N ILE A 322 -36.60 -11.64 -2.30
CA ILE A 322 -36.08 -12.66 -1.39
C ILE A 322 -36.11 -12.14 0.05
N SER A 323 -35.64 -10.91 0.26
CA SER A 323 -35.70 -10.32 1.60
C SER A 323 -37.14 -10.15 2.06
N SER A 324 -38.03 -9.80 1.12
CA SER A 324 -39.45 -9.70 1.45
C SER A 324 -39.97 -11.03 1.98
N VAL A 325 -39.90 -12.08 1.16
CA VAL A 325 -40.33 -13.41 1.57
C VAL A 325 -39.72 -13.79 2.91
N ALA A 326 -38.45 -13.42 3.12
CA ALA A 326 -37.78 -13.78 4.36
C ALA A 326 -38.45 -13.12 5.56
N ALA A 327 -38.77 -11.83 5.44
CA ALA A 327 -39.37 -11.08 6.53
C ALA A 327 -40.83 -11.45 6.75
N PHE A 328 -41.57 -11.71 5.67
CA PHE A 328 -42.94 -12.18 5.79
C PHE A 328 -43.03 -13.45 6.62
N THR A 329 -42.34 -14.51 6.19
CA THR A 329 -42.39 -15.77 6.92
C THR A 329 -41.89 -15.62 8.35
N SER A 330 -40.81 -14.86 8.56
CA SER A 330 -40.24 -14.76 9.89
C SER A 330 -41.19 -14.09 10.88
N VAL A 331 -41.90 -13.04 10.46
CA VAL A 331 -42.90 -12.44 11.34
C VAL A 331 -44.07 -13.40 11.57
N GLY A 332 -44.52 -14.08 10.51
CA GLY A 332 -45.59 -15.05 10.66
C GLY A 332 -45.32 -16.12 11.70
N VAL A 333 -44.05 -16.49 11.88
CA VAL A 333 -43.68 -17.45 12.91
C VAL A 333 -43.47 -16.78 14.26
N GLY A 334 -42.91 -15.56 14.26
CA GLY A 334 -42.70 -14.85 15.51
C GLY A 334 -43.99 -14.54 16.25
N THR A 335 -45.06 -14.27 15.50
CA THR A 335 -46.35 -14.01 16.16
C THR A 335 -46.92 -15.27 16.78
N VAL A 336 -46.73 -16.42 16.12
CA VAL A 336 -47.16 -17.69 16.70
C VAL A 336 -46.38 -18.00 17.97
N LEU A 337 -45.04 -17.89 17.91
CA LEU A 337 -44.21 -18.16 19.07
C LEU A 337 -44.53 -17.21 20.23
N CYS A 338 -44.84 -15.95 19.92
CA CYS A 338 -45.17 -14.99 20.96
C CYS A 338 -46.53 -15.27 21.57
N ASP A 339 -47.49 -15.73 20.76
CA ASP A 339 -48.75 -16.20 21.30
C ASP A 339 -48.53 -17.36 22.28
N ILE A 340 -47.66 -18.31 21.92
CA ILE A 340 -47.38 -19.44 22.80
C ILE A 340 -46.72 -18.97 24.10
N ILE A 341 -45.79 -18.00 23.99
CA ILE A 341 -45.09 -17.52 25.18
C ILE A 341 -46.04 -16.75 26.10
N LEU A 342 -47.03 -16.07 25.54
CA LEU A 342 -47.95 -15.28 26.35
C LEU A 342 -48.89 -16.20 27.13
N LEU A 343 -49.43 -17.23 26.47
CA LEU A 343 -50.40 -18.12 27.10
C LEU A 343 -49.80 -18.95 28.23
N ASN A 344 -48.48 -18.95 28.38
CA ASN A 344 -47.83 -19.71 29.45
C ASN A 344 -48.32 -19.28 30.84
C1 NAG B . 8.86 21.80 5.24
C2 NAG B . 10.18 21.82 6.00
C3 NAG B . 10.15 22.89 7.10
C4 NAG B . 9.77 24.25 6.52
C5 NAG B . 8.45 24.13 5.78
C6 NAG B . 8.04 25.40 5.07
C7 NAG B . 11.64 19.90 6.48
C8 NAG B . 11.74 18.57 7.15
N2 NAG B . 10.46 20.52 6.58
O3 NAG B . 11.44 22.98 7.71
O4 NAG B . 9.67 25.21 7.55
O5 NAG B . 8.55 23.12 4.76
O6 NAG B . 6.73 25.28 4.52
O7 NAG B . 12.59 20.39 5.86
H1 NAG B . 8.15 21.51 5.84
H2 NAG B . 10.90 22.06 5.38
H3 NAG B . 9.50 22.64 7.77
H4 NAG B . 10.47 24.53 5.89
H5 NAG B . 7.75 23.88 6.41
H61 NAG B . 8.67 25.58 4.35
H62 NAG B . 8.05 26.14 5.70
H81 NAG B . 11.09 17.96 6.77
H82 NAG B . 12.65 18.20 7.02
H83 NAG B . 11.58 18.66 8.10
HN2 NAG B . 9.80 20.10 7.05
HO3 NAG B . 12.02 23.31 7.12
HO4 NAG B . 8.87 25.61 7.51
HO6 NAG B . 6.61 25.90 3.89
C1 NAG C . -19.30 21.86 -8.42
C2 NAG C . -20.51 20.95 -8.17
C3 NAG C . -21.66 21.39 -9.06
C4 NAG C . -21.97 22.85 -8.80
C5 NAG C . -20.73 23.70 -9.05
C6 NAG C . -20.99 25.17 -8.74
C7 NAG C . -21.18 18.58 -8.04
C8 NAG C . -20.94 17.08 -8.26
N2 NAG C . -20.26 19.51 -8.39
O3 NAG C . -22.82 20.57 -8.84
O4 NAG C . -23.07 23.30 -9.62
O5 NAG C . -19.63 23.24 -8.24
O6 NAG C . -19.77 25.92 -8.85
O7 NAG C . -22.23 18.97 -7.53
H1 NAG C . -18.95 21.70 -9.45
H2 NAG C . -20.81 21.09 -7.12
H3 NAG C . -21.34 21.28 -10.11
H4 NAG C . -22.26 22.97 -7.73
H5 NAG C . -20.44 23.63 -10.12
H61 NAG C . -21.39 25.27 -7.73
H62 NAG C . -21.73 25.56 -9.43
H81 NAG C . -21.00 16.57 -7.34
H82 NAG C . -20.01 16.86 -8.72
H83 NAG C . -21.71 16.71 -8.90
HN2 NAG C . -19.38 19.20 -8.82
HO3 NAG C . -23.40 20.62 -9.62
HO4 NAG C . -23.91 23.06 -9.19
HO6 NAG C . -19.39 26.04 -7.97
C1 NAG D . 40.88 -1.32 -21.00
C2 NAG D . 41.39 -2.68 -20.53
C3 NAG D . 41.35 -2.75 -19.01
C4 NAG D . 42.14 -1.59 -18.42
C5 NAG D . 41.58 -0.26 -18.95
C6 NAG D . 42.38 0.92 -18.41
C7 NAG D . 41.12 -4.93 -21.62
C8 NAG D . 40.25 -6.05 -22.18
N2 NAG D . 40.60 -3.79 -21.11
O3 NAG D . 41.84 -4.01 -18.54
O4 NAG D . 42.12 -1.62 -16.98
O5 NAG D . 41.59 -0.23 -20.38
O6 NAG D . 41.92 2.13 -19.02
O7 NAG D . 42.35 -5.04 -21.64
H1 NAG D . 39.81 -1.24 -20.75
H2 NAG D . 42.46 -2.75 -20.84
H3 NAG D . 40.29 -2.63 -18.69
H4 NAG D . 43.20 -1.68 -18.75
H5 NAG D . 40.53 -0.15 -18.59
H61 NAG D . 43.44 0.77 -18.64
H62 NAG D . 42.27 0.98 -17.33
H81 NAG D . 40.43 -6.95 -21.65
H82 NAG D . 40.48 -6.22 -23.20
H83 NAG D . 39.20 -5.85 -22.12
HN2 NAG D . 39.59 -3.68 -21.08
HO3 NAG D . 41.47 -4.19 -17.66
HO4 NAG D . 42.72 -2.32 -16.68
HO6 NAG D . 41.06 2.37 -18.64
MG MG E . 27.42 -8.38 0.21
NA NA F . -36.13 -16.71 1.25
#